data_3JXD
#
_entry.id   3JXD
#
_cell.length_a   64.007
_cell.length_b   64.007
_cell.length_c   101.623
_cell.angle_alpha   90.000
_cell.angle_beta   90.000
_cell.angle_gamma   90.000
#
_symmetry.space_group_name_H-M   'P 43'
#
loop_
_entity.id
_entity.type
_entity.pdbx_description
1 polymer "5'-D(*CP*AP*TP*TP*TP*AP*AP*GP*AP*CP*GP*TP*CP*TP*TP*AP*AP*AP*TP*G)-3'"
2 polymer 'Repressor protein C2'
3 non-polymer 'RUBIDIUM ION'
4 water water
#
loop_
_entity_poly.entity_id
_entity_poly.type
_entity_poly.pdbx_seq_one_letter_code
_entity_poly.pdbx_strand_id
1 'polydeoxyribonucleotide' (DC)(DA)(DT)(DT)(DT)(DA)(DA)(DG)(DA)(DC)(DG)(DT)(DC)(DT)(DT)(DA)(DA)(DA)(DT)(DG) A,B
2 'polypeptide(L)' NTQLMGERIRARRKKLKIRQAALGKMVGVSNVAISQWERSETEPNGENLLALSKALQCSPDYLLKGD L,R
#
loop_
_chem_comp.id
_chem_comp.type
_chem_comp.name
_chem_comp.formula
DA DNA linking 2'-DEOXYADENOSINE-5'-MONOPHOSPHATE 'C10 H14 N5 O6 P'
DC DNA linking 2'-DEOXYCYTIDINE-5'-MONOPHOSPHATE 'C9 H14 N3 O7 P'
DG DNA linking 2'-DEOXYGUANOSINE-5'-MONOPHOSPHATE 'C10 H14 N5 O7 P'
DT DNA linking THYMIDINE-5'-MONOPHOSPHATE 'C10 H15 N2 O8 P'
RB non-polymer 'RUBIDIUM ION' 'Rb 1'
#
# COMPACT_ATOMS: atom_id res chain seq x y z
N THR C 2 -19.04 -3.47 8.64
CA THR C 2 -17.79 -3.79 9.38
C THR C 2 -16.98 -2.53 9.73
N GLN C 3 -16.09 -2.72 10.70
CA GLN C 3 -15.02 -1.80 11.08
C GLN C 3 -14.12 -1.35 9.89
N LEU C 4 -13.93 -0.05 9.81
CA LEU C 4 -13.15 0.55 8.75
C LEU C 4 -11.69 0.58 9.13
N MET C 5 -10.84 0.51 8.11
CA MET C 5 -9.38 0.68 8.29
C MET C 5 -8.99 1.86 9.22
N GLY C 6 -9.69 2.99 9.14
CA GLY C 6 -9.30 4.18 9.88
C GLY C 6 -9.50 4.08 11.38
N GLU C 7 -10.53 3.31 11.77
CA GLU C 7 -10.82 2.99 13.16
C GLU C 7 -9.72 2.06 13.71
N ARG C 8 -9.23 1.15 12.88
CA ARG C 8 -8.05 0.33 13.24
C ARG C 8 -6.75 1.13 13.41
N ILE C 9 -6.57 2.16 12.57
CA ILE C 9 -5.43 3.05 12.62
C ILE C 9 -5.47 3.82 13.94
N ARG C 10 -6.62 4.43 14.24
CA ARG C 10 -6.80 5.20 15.41
C ARG C 10 -6.65 4.34 16.68
N ALA C 11 -7.27 3.15 16.72
CA ALA C 11 -7.18 2.27 17.88
C ALA C 11 -5.71 1.89 18.19
N ARG C 12 -4.98 1.52 17.15
CA ARG C 12 -3.56 1.26 17.24
C ARG C 12 -2.72 2.50 17.67
N ARG C 13 -3.02 3.68 17.11
CA ARG C 13 -2.29 4.87 17.50
C ARG C 13 -2.52 5.19 19.01
N LYS C 14 -3.76 5.02 19.48
CA LYS C 14 -4.12 5.31 20.85
C LYS C 14 -3.45 4.30 21.83
N LYS C 15 -3.36 3.04 21.41
CA LYS C 15 -2.59 2.04 22.14
C LYS C 15 -1.17 2.55 22.40
N LEU C 16 -0.55 3.11 21.38
CA LEU C 16 0.83 3.63 21.42
C LEU C 16 0.97 4.97 22.15
N LYS C 17 -0.15 5.65 22.40
CA LYS C 17 -0.22 6.86 23.25
C LYS C 17 0.51 8.02 22.56
N ILE C 18 0.33 8.12 21.25
CA ILE C 18 0.95 9.21 20.51
C ILE C 18 -0.12 10.06 19.83
N ARG C 19 0.20 11.34 19.66
CA ARG C 19 -0.64 12.31 18.95
C ARG C 19 -0.60 12.03 17.41
N GLN C 20 -1.59 12.54 16.66
CA GLN C 20 -1.58 12.33 15.18
C GLN C 20 -0.30 12.89 14.59
N ALA C 21 0.17 14.05 15.05
CA ALA C 21 1.45 14.65 14.54
C ALA C 21 2.69 13.74 14.72
N ALA C 22 2.71 13.00 15.83
CA ALA C 22 3.85 12.14 16.15
C ALA C 22 3.81 10.89 15.28
N LEU C 23 2.62 10.31 15.08
CA LEU C 23 2.49 9.25 14.08
C LEU C 23 2.88 9.72 12.66
N GLY C 24 2.34 10.87 12.28
CA GLY C 24 2.67 11.51 11.00
C GLY C 24 4.17 11.60 10.81
N LYS C 25 4.86 12.09 11.83
CA LYS C 25 6.35 12.16 11.83
C LYS C 25 7.01 10.81 11.57
N MET C 26 6.55 9.77 12.26
CA MET C 26 7.03 8.41 12.02
C MET C 26 6.76 7.89 10.59
N VAL C 27 5.62 8.29 10.00
CA VAL C 27 5.22 7.76 8.67
C VAL C 27 5.79 8.58 7.52
N GLY C 28 6.01 9.86 7.73
CA GLY C 28 6.41 10.73 6.62
C GLY C 28 5.28 11.57 6.04
N VAL C 29 4.22 11.83 6.82
CA VAL C 29 3.07 12.63 6.36
C VAL C 29 2.68 13.65 7.45
N SER C 30 1.79 14.61 7.15
CA SER C 30 1.33 15.55 8.17
C SER C 30 0.37 14.88 9.12
N ASN C 31 0.10 15.52 10.27
CA ASN C 31 -0.96 15.10 11.16
C ASN C 31 -2.31 15.11 10.48
N VAL C 32 -2.53 16.04 9.54
CA VAL C 32 -3.79 16.08 8.81
C VAL C 32 -4.05 14.77 8.00
N ALA C 33 -3.02 14.24 7.34
CA ALA C 33 -3.13 12.99 6.59
C ALA C 33 -3.56 11.84 7.53
N ILE C 34 -2.99 11.84 8.74
CA ILE C 34 -3.35 10.82 9.73
C ILE C 34 -4.83 11.04 10.10
N SER C 35 -5.21 12.28 10.31
CA SER C 35 -6.63 12.62 10.63
C SER C 35 -7.55 12.09 9.52
N GLN C 36 -7.15 12.39 8.27
CA GLN C 36 -7.90 11.91 7.06
C GLN C 36 -8.03 10.41 7.03
N TRP C 37 -6.94 9.68 7.29
CA TRP C 37 -6.99 8.24 7.30
C TRP C 37 -7.88 7.73 8.39
N GLU C 38 -7.74 8.29 9.61
CA GLU C 38 -8.48 7.81 10.78
C GLU C 38 -10.00 7.96 10.56
N ARG C 39 -10.39 9.08 9.96
CA ARG C 39 -11.78 9.36 9.69
C ARG C 39 -12.28 8.79 8.38
N SER C 40 -11.49 7.93 7.74
CA SER C 40 -11.83 7.33 6.42
C SER C 40 -12.16 8.35 5.28
N GLU C 41 -11.67 9.59 5.41
CA GLU C 41 -11.78 10.65 4.39
C GLU C 41 -10.96 10.22 3.14
N THR C 42 -9.81 9.58 3.39
CA THR C 42 -8.95 9.06 2.36
C THR C 42 -8.30 7.75 2.91
N GLU C 43 -7.67 6.96 2.04
CA GLU C 43 -6.80 5.84 2.45
C GLU C 43 -5.34 6.11 2.07
N PRO C 44 -4.39 5.62 2.91
CA PRO C 44 -3.00 5.80 2.57
C PRO C 44 -2.67 5.16 1.21
N ASN C 45 -1.79 5.80 0.46
CA ASN C 45 -1.28 5.23 -0.80
C ASN C 45 -0.29 4.08 -0.45
N GLY C 46 0.32 3.46 -1.46
CA GLY C 46 1.08 2.22 -1.29
C GLY C 46 2.26 2.41 -0.34
N GLU C 47 3.10 3.40 -0.64
CA GLU C 47 4.26 3.69 0.18
C GLU C 47 3.89 4.10 1.60
N ASN C 48 2.87 4.96 1.73
CA ASN C 48 2.37 5.38 3.02
C ASN C 48 1.72 4.28 3.80
N LEU C 49 0.99 3.38 3.12
CA LEU C 49 0.37 2.32 3.89
C LEU C 49 1.48 1.44 4.56
N LEU C 50 2.52 1.15 3.81
CA LEU C 50 3.61 0.31 4.32
C LEU C 50 4.33 0.99 5.46
N ALA C 51 4.63 2.28 5.31
CA ALA C 51 5.27 3.06 6.38
C ALA C 51 4.39 3.14 7.62
N LEU C 52 3.09 3.29 7.41
CA LEU C 52 2.14 3.32 8.50
C LEU C 52 2.10 1.98 9.28
N SER C 53 2.08 0.88 8.55
CA SER C 53 2.04 -0.43 9.17
C SER C 53 3.31 -0.71 10.04
N LYS C 54 4.49 -0.32 9.58
CA LYS C 54 5.76 -0.36 10.39
C LYS C 54 5.69 0.50 11.65
N ALA C 55 5.29 1.77 11.49
CA ALA C 55 5.13 2.69 12.61
C ALA C 55 4.14 2.14 13.65
N LEU C 56 3.12 1.41 13.19
CA LEU C 56 2.09 0.88 14.09
C LEU C 56 2.33 -0.58 14.54
N GLN C 57 3.32 -1.24 13.93
CA GLN C 57 3.69 -2.65 14.19
C GLN C 57 2.56 -3.63 13.95
N CYS C 58 1.78 -3.38 12.90
CA CYS C 58 0.88 -4.41 12.44
C CYS C 58 1.08 -4.61 10.93
N SER C 59 0.34 -5.52 10.34
CA SER C 59 0.60 -5.82 8.94
C SER C 59 -0.30 -4.88 8.12
N PRO C 60 0.09 -4.60 6.85
CA PRO C 60 -0.77 -3.81 5.93
C PRO C 60 -2.16 -4.45 5.78
N ASP C 61 -2.21 -5.78 5.73
CA ASP C 61 -3.49 -6.53 5.61
C ASP C 61 -4.41 -6.35 6.80
N TYR C 62 -3.84 -6.34 8.02
CA TYR C 62 -4.65 -6.05 9.19
C TYR C 62 -5.29 -4.66 9.14
N LEU C 63 -4.52 -3.66 8.72
CA LEU C 63 -5.04 -2.32 8.59
C LEU C 63 -6.18 -2.30 7.56
N LEU C 64 -5.95 -2.86 6.38
CA LEU C 64 -6.89 -2.73 5.26
C LEU C 64 -8.13 -3.54 5.50
N LYS C 65 -7.93 -4.77 5.98
CA LYS C 65 -9.02 -5.76 6.07
C LYS C 65 -9.37 -6.22 7.49
N GLY C 66 -8.45 -6.10 8.44
CA GLY C 66 -8.76 -6.47 9.82
C GLY C 66 -8.63 -7.96 10.00
N ASP C 67 -9.19 -8.48 11.09
CA ASP C 67 -9.22 -9.92 11.32
C ASP C 67 -10.45 -10.53 10.69
N THR D 2 18.74 3.39 -8.54
CA THR D 2 18.56 3.03 -9.98
C THR D 2 17.18 2.42 -10.24
N GLN D 3 16.94 1.21 -9.73
CA GLN D 3 15.79 0.39 -10.17
C GLN D 3 14.45 0.88 -9.64
N LEU D 4 13.48 1.11 -10.53
CA LEU D 4 12.16 1.63 -10.08
C LEU D 4 11.21 0.51 -9.72
N MET D 5 10.23 0.82 -8.86
CA MET D 5 9.21 -0.16 -8.55
C MET D 5 8.58 -0.72 -9.81
N GLY D 6 8.28 0.12 -10.81
CA GLY D 6 7.58 -0.35 -11.98
C GLY D 6 8.38 -1.39 -12.75
N GLU D 7 9.71 -1.23 -12.80
CA GLU D 7 10.60 -2.26 -13.35
C GLU D 7 10.49 -3.60 -12.64
N ARG D 8 10.43 -3.62 -11.31
CA ARG D 8 10.20 -4.88 -10.57
C ARG D 8 8.78 -5.47 -10.76
N ILE D 9 7.76 -4.61 -10.92
CA ILE D 9 6.43 -5.09 -11.22
C ILE D 9 6.48 -5.79 -12.57
N ARG D 10 7.08 -5.16 -13.56
CA ARG D 10 7.06 -5.81 -14.88
C ARG D 10 7.90 -7.13 -14.91
N ALA D 11 9.04 -7.14 -14.24
CA ALA D 11 9.89 -8.34 -14.14
C ALA D 11 9.13 -9.44 -13.52
N ARG D 12 8.42 -9.19 -12.42
CA ARG D 12 7.61 -10.19 -11.76
C ARG D 12 6.42 -10.63 -12.58
N ARG D 13 5.78 -9.73 -13.33
CA ARG D 13 4.75 -10.18 -14.29
C ARG D 13 5.38 -11.02 -15.44
N LYS D 14 6.54 -10.63 -15.95
CA LYS D 14 7.14 -11.40 -17.05
C LYS D 14 7.53 -12.85 -16.61
N LYS D 15 7.80 -12.99 -15.30
CA LYS D 15 8.20 -14.24 -14.67
C LYS D 15 6.97 -15.16 -14.64
N LEU D 16 5.80 -14.54 -14.47
CA LEU D 16 4.55 -15.28 -14.55
C LEU D 16 4.13 -15.56 -16.00
N LYS D 17 4.71 -14.83 -16.95
CA LYS D 17 4.39 -14.84 -18.40
C LYS D 17 2.93 -14.47 -18.72
N ILE D 18 2.34 -13.61 -17.89
CA ILE D 18 0.95 -13.15 -18.22
C ILE D 18 0.87 -11.71 -18.81
N ARG D 19 -0.24 -11.38 -19.50
CA ARG D 19 -0.36 -10.10 -20.16
C ARG D 19 -0.73 -9.11 -19.06
N GLN D 20 -0.53 -7.82 -19.30
CA GLN D 20 -1.05 -6.79 -18.41
C GLN D 20 -2.54 -6.95 -18.05
N ALA D 21 -3.38 -7.26 -19.04
CA ALA D 21 -4.84 -7.39 -18.79
C ALA D 21 -5.11 -8.53 -17.77
N ALA D 22 -4.42 -9.67 -17.97
CA ALA D 22 -4.56 -10.84 -17.05
C ALA D 22 -4.18 -10.47 -15.60
N LEU D 23 -3.11 -9.70 -15.47
CA LEU D 23 -2.67 -9.24 -14.14
C LEU D 23 -3.65 -8.24 -13.58
N GLY D 24 -4.08 -7.30 -14.41
CA GLY D 24 -5.09 -6.32 -13.99
C GLY D 24 -6.29 -7.05 -13.39
N LYS D 25 -6.78 -8.05 -14.12
CA LYS D 25 -7.92 -8.87 -13.65
C LYS D 25 -7.69 -9.54 -12.23
N MET D 26 -6.50 -10.08 -11.99
CA MET D 26 -6.15 -10.65 -10.67
C MET D 26 -6.14 -9.58 -9.59
N VAL D 27 -5.77 -8.35 -9.96
CA VAL D 27 -5.55 -7.32 -8.99
C VAL D 27 -6.82 -6.50 -8.74
N GLY D 28 -7.69 -6.42 -9.74
CA GLY D 28 -8.94 -5.63 -9.71
C GLY D 28 -8.73 -4.23 -10.28
N VAL D 29 -7.87 -4.08 -11.29
CA VAL D 29 -7.67 -2.78 -11.96
C VAL D 29 -7.59 -3.09 -13.43
N SER D 30 -7.56 -2.05 -14.27
CA SER D 30 -7.48 -2.23 -15.72
C SER D 30 -6.03 -2.56 -16.09
N ASN D 31 -5.88 -3.03 -17.31
CA ASN D 31 -4.60 -3.25 -17.96
C ASN D 31 -3.83 -1.97 -18.08
N VAL D 32 -4.57 -0.84 -18.26
CA VAL D 32 -3.92 0.44 -18.33
C VAL D 32 -3.26 0.80 -16.95
N ALA D 33 -3.93 0.58 -15.84
CA ALA D 33 -3.28 0.83 -14.53
C ALA D 33 -1.96 0.02 -14.37
N ILE D 34 -1.99 -1.26 -14.77
CA ILE D 34 -0.76 -2.10 -14.80
C ILE D 34 0.32 -1.36 -15.60
N SER D 35 0.01 -1.00 -16.84
CA SER D 35 0.89 -0.24 -17.68
C SER D 35 1.46 1.04 -17.07
N GLN D 36 0.62 1.84 -16.43
CA GLN D 36 1.05 3.04 -15.74
C GLN D 36 2.00 2.71 -14.61
N TRP D 37 1.66 1.68 -13.86
CA TRP D 37 2.56 1.24 -12.78
C TRP D 37 3.93 0.79 -13.31
N GLU D 38 3.95 0.01 -14.38
CA GLU D 38 5.17 -0.60 -14.96
C GLU D 38 6.09 0.48 -15.52
N ARG D 39 5.49 1.53 -16.06
CA ARG D 39 6.22 2.66 -16.63
C ARG D 39 6.52 3.71 -15.59
N SER D 40 6.13 3.47 -14.33
CA SER D 40 6.39 4.44 -13.23
C SER D 40 5.65 5.76 -13.50
N GLU D 41 4.64 5.70 -14.32
CA GLU D 41 3.75 6.85 -14.46
C GLU D 41 2.99 7.19 -13.17
N THR D 42 2.49 6.15 -12.50
CA THR D 42 1.84 6.24 -11.21
C THR D 42 2.37 5.06 -10.34
N GLU D 43 2.07 5.11 -9.05
CA GLU D 43 2.30 3.99 -8.18
C GLU D 43 0.98 3.52 -7.61
N PRO D 44 0.90 2.21 -7.32
CA PRO D 44 -0.38 1.67 -6.80
C PRO D 44 -0.76 2.23 -5.45
N ASN D 45 -2.07 2.37 -5.25
CA ASN D 45 -2.52 2.89 -3.96
C ASN D 45 -2.36 1.72 -2.94
N GLY D 46 -2.77 1.93 -1.69
CA GLY D 46 -2.45 0.97 -0.64
C GLY D 46 -3.15 -0.36 -0.84
N GLU D 47 -4.46 -0.31 -1.09
CA GLU D 47 -5.22 -1.50 -1.36
C GLU D 47 -4.71 -2.23 -2.63
N ASN D 48 -4.40 -1.48 -3.68
CA ASN D 48 -3.91 -2.11 -4.94
C ASN D 48 -2.48 -2.67 -4.83
N LEU D 49 -1.64 -1.99 -4.07
CA LEU D 49 -0.28 -2.48 -3.81
C LEU D 49 -0.36 -3.88 -3.14
N LEU D 50 -1.20 -3.98 -2.13
CA LEU D 50 -1.40 -5.26 -1.45
C LEU D 50 -1.94 -6.34 -2.34
N ALA D 51 -2.93 -6.02 -3.19
CA ALA D 51 -3.42 -7.01 -4.14
C ALA D 51 -2.42 -7.38 -5.21
N LEU D 52 -1.65 -6.39 -5.66
CA LEU D 52 -0.60 -6.64 -6.61
C LEU D 52 0.50 -7.60 -6.06
N SER D 53 0.92 -7.34 -4.83
CA SER D 53 2.04 -8.11 -4.29
C SER D 53 1.61 -9.60 -4.14
N LYS D 54 0.36 -9.85 -3.75
CA LYS D 54 -0.22 -11.20 -3.77
C LYS D 54 -0.29 -11.84 -5.14
N ALA D 55 -0.84 -11.14 -6.14
CA ALA D 55 -0.85 -11.69 -7.49
C ALA D 55 0.58 -11.94 -7.94
N LEU D 56 1.51 -11.12 -7.50
CA LEU D 56 2.85 -11.29 -8.01
C LEU D 56 3.67 -12.26 -7.13
N GLN D 57 3.11 -12.70 -6.01
CA GLN D 57 3.80 -13.64 -5.08
C GLN D 57 5.11 -13.04 -4.56
N CYS D 58 5.05 -11.78 -4.13
CA CYS D 58 6.20 -11.16 -3.49
C CYS D 58 5.66 -10.21 -2.44
N SER D 59 6.52 -9.55 -1.70
CA SER D 59 6.03 -8.72 -0.59
C SER D 59 5.87 -7.27 -1.14
N PRO D 60 5.01 -6.46 -0.48
CA PRO D 60 4.90 -5.04 -0.85
C PRO D 60 6.22 -4.30 -0.73
N ASP D 61 7.06 -4.67 0.23
CA ASP D 61 8.33 -4.00 0.42
C ASP D 61 9.28 -4.22 -0.74
N TYR D 62 9.31 -5.45 -1.20
CA TYR D 62 10.11 -5.78 -2.36
C TYR D 62 9.72 -4.91 -3.55
N LEU D 63 8.42 -4.85 -3.84
CA LEU D 63 7.96 -3.98 -4.95
C LEU D 63 8.40 -2.56 -4.74
N LEU D 64 8.17 -2.02 -3.53
CA LEU D 64 8.40 -0.63 -3.22
C LEU D 64 9.87 -0.23 -3.15
N LYS D 65 10.69 -1.07 -2.53
CA LYS D 65 12.10 -0.70 -2.31
C LYS D 65 13.20 -1.69 -2.79
N GLY D 66 12.82 -2.88 -3.23
CA GLY D 66 13.73 -3.80 -3.89
C GLY D 66 14.29 -4.84 -2.91
N ASP D 67 15.20 -5.66 -3.44
CA ASP D 67 15.87 -6.77 -2.76
C ASP D 67 14.98 -7.85 -2.12
RB RB E . -3.73 -1.30 -36.55
RB RB F . -2.08 -0.05 -36.23
#